data_2V4H
#
_entry.id   2V4H
#
_cell.length_a   63.020
_cell.length_b   63.020
_cell.length_c   436.917
_cell.angle_alpha   90.00
_cell.angle_beta   90.00
_cell.angle_gamma   90.00
#
_symmetry.space_group_name_H-M   'P 43 21 2'
#
loop_
_entity.id
_entity.type
_entity.pdbx_description
1 polymer 'NF-KAPPA-B ESSENTIAL MODULATOR'
2 polymer '1D5 DARPIN'
3 water water
#
loop_
_entity_poly.entity_id
_entity_poly.type
_entity_poly.pdbx_seq_one_letter_code
_entity_poly.pdbx_strand_id
1 'polypeptide(L)'
;MGSSHHHHHHSSGLVPRGSHMASMQLEDLRQQLQQAEEALVAKQELIDKLKEEAEQHKIVMETVPVLKAQADIYKADFQA
ERHAREKLVEKKEYLQEQLEQLQREFNKLK
;
A,B
2 'polypeptide(L)'
;HHHHHHHHHHGSDLGKKLLEAARAGQDDEVRILMANGADVNANDRKGNTPLHLAADYDHLEIVEVLLKHGADVNAHDNDG
STPLHLAALFGHLEIVEVLLKHGADVNAQDKFGKTAFDISIDNGNEDLAEILQKLN
;
C,D
#
# COMPACT_ATOMS: atom_id res chain seq x y z
N GLY A 13 -16.10 -14.62 -54.19
CA GLY A 13 -16.35 -16.08 -54.31
C GLY A 13 -17.80 -16.44 -54.64
N LEU A 14 -18.14 -16.41 -55.92
CA LEU A 14 -19.42 -16.94 -56.46
C LEU A 14 -19.21 -17.56 -57.87
N VAL A 15 -20.29 -17.99 -58.53
CA VAL A 15 -20.21 -18.43 -59.92
C VAL A 15 -20.08 -17.27 -60.91
N PRO A 16 -18.96 -17.24 -61.67
CA PRO A 16 -18.75 -16.25 -62.75
C PRO A 16 -19.82 -16.28 -63.87
N ARG A 17 -20.13 -15.11 -64.43
CA ARG A 17 -21.10 -14.93 -65.54
C ARG A 17 -21.00 -15.91 -66.68
N GLY A 18 -22.06 -16.69 -66.87
CA GLY A 18 -22.08 -17.66 -67.95
C GLY A 18 -20.91 -18.62 -67.88
N SER A 19 -20.82 -19.36 -66.77
CA SER A 19 -19.96 -20.53 -66.70
C SER A 19 -20.40 -21.58 -67.77
N HIS A 20 -21.59 -21.36 -68.37
CA HIS A 20 -22.30 -22.24 -69.36
C HIS A 20 -21.64 -22.54 -70.71
N MET A 21 -21.74 -23.81 -71.12
CA MET A 21 -21.33 -24.23 -72.47
C MET A 21 -22.45 -23.92 -73.46
N ALA A 22 -23.63 -24.47 -73.18
CA ALA A 22 -24.86 -24.26 -73.91
C ALA A 22 -25.53 -22.92 -73.60
N SER A 23 -26.48 -22.50 -74.43
CA SER A 23 -27.13 -21.19 -74.29
C SER A 23 -28.10 -21.15 -73.15
N MET A 24 -27.85 -20.32 -72.17
CA MET A 24 -28.77 -20.15 -71.06
C MET A 24 -28.77 -18.68 -70.69
N GLN A 25 -29.12 -17.87 -71.68
CA GLN A 25 -29.09 -16.44 -71.55
C GLN A 25 -29.99 -15.94 -70.41
N LEU A 26 -31.26 -16.32 -70.46
CA LEU A 26 -32.26 -15.85 -69.49
C LEU A 26 -32.04 -16.46 -68.11
N GLU A 27 -31.90 -17.79 -68.04
CA GLU A 27 -31.66 -18.44 -66.77
C GLU A 27 -30.38 -17.90 -66.15
N ASP A 28 -29.27 -17.99 -66.89
CA ASP A 28 -28.02 -17.38 -66.49
C ASP A 28 -28.34 -16.16 -65.65
N LEU A 29 -29.15 -15.25 -66.18
CA LEU A 29 -29.50 -14.03 -65.44
C LEU A 29 -30.31 -14.35 -64.20
N ARG A 30 -31.53 -14.82 -64.41
CA ARG A 30 -32.44 -15.13 -63.32
C ARG A 30 -31.73 -15.82 -62.14
N GLN A 31 -30.91 -16.81 -62.49
CA GLN A 31 -30.15 -17.62 -61.57
C GLN A 31 -29.08 -16.81 -60.83
N GLN A 32 -28.36 -15.98 -61.58
CA GLN A 32 -27.32 -15.15 -61.01
C GLN A 32 -27.89 -14.04 -60.16
N LEU A 33 -29.03 -13.52 -60.62
CA LEU A 33 -29.79 -12.52 -59.92
C LEU A 33 -30.24 -13.09 -58.60
N GLN A 34 -30.45 -14.40 -58.55
CA GLN A 34 -30.93 -15.05 -57.35
C GLN A 34 -29.81 -15.33 -56.39
N GLN A 35 -28.68 -15.79 -56.89
CA GLN A 35 -27.54 -16.03 -56.00
C GLN A 35 -27.05 -14.71 -55.40
N ALA A 36 -26.96 -13.68 -56.24
CA ALA A 36 -26.63 -12.33 -55.80
C ALA A 36 -27.62 -11.80 -54.78
N GLU A 37 -28.89 -12.13 -54.92
CA GLU A 37 -29.92 -11.69 -53.98
C GLU A 37 -29.68 -12.26 -52.60
N GLU A 38 -29.52 -13.58 -52.54
CA GLU A 38 -29.26 -14.26 -51.26
C GLU A 38 -27.83 -14.12 -50.74
N ALA A 39 -26.92 -13.68 -51.60
CA ALA A 39 -25.59 -13.30 -51.17
C ALA A 39 -25.66 -11.93 -50.47
N LEU A 40 -26.56 -11.06 -50.91
CA LEU A 40 -26.84 -9.82 -50.16
C LEU A 40 -27.43 -10.10 -48.78
N VAL A 41 -28.24 -11.16 -48.67
CA VAL A 41 -28.78 -11.62 -47.37
C VAL A 41 -27.66 -12.14 -46.44
N ALA A 42 -26.82 -12.99 -47.01
CA ALA A 42 -25.65 -13.53 -46.32
C ALA A 42 -24.76 -12.42 -45.78
N LYS A 43 -24.37 -11.50 -46.67
CA LYS A 43 -23.47 -10.39 -46.31
C LYS A 43 -24.13 -9.54 -45.22
N GLN A 44 -25.44 -9.42 -45.34
CA GLN A 44 -26.22 -8.67 -44.37
C GLN A 44 -26.17 -9.33 -43.00
N GLU A 45 -26.44 -10.63 -42.93
CA GLU A 45 -26.33 -11.36 -41.66
C GLU A 45 -24.93 -11.28 -41.11
N LEU A 46 -23.97 -10.93 -41.97
CA LEU A 46 -22.61 -10.70 -41.49
C LEU A 46 -22.42 -9.31 -40.88
N ILE A 47 -23.02 -8.30 -41.50
CA ILE A 47 -22.99 -6.95 -40.96
C ILE A 47 -23.72 -6.94 -39.62
N ASP A 48 -24.82 -7.69 -39.53
CA ASP A 48 -25.55 -7.84 -38.28
C ASP A 48 -24.65 -8.38 -37.16
N LYS A 49 -23.98 -9.48 -37.45
CA LYS A 49 -23.16 -10.18 -36.47
C LYS A 49 -21.94 -9.38 -36.17
N LEU A 50 -21.40 -8.67 -37.16
CA LEU A 50 -20.21 -7.85 -36.91
C LEU A 50 -20.42 -6.61 -36.01
N LYS A 51 -21.50 -5.87 -36.29
CA LYS A 51 -21.88 -4.69 -35.54
C LYS A 51 -22.32 -5.06 -34.13
N GLU A 52 -23.10 -6.13 -34.07
CA GLU A 52 -23.62 -6.69 -32.82
C GLU A 52 -22.48 -7.23 -31.93
N GLU A 53 -21.43 -7.73 -32.57
CA GLU A 53 -20.19 -8.02 -31.89
C GLU A 53 -19.46 -6.75 -31.50
N ALA A 54 -19.17 -5.89 -32.48
CA ALA A 54 -18.50 -4.60 -32.28
C ALA A 54 -19.12 -3.92 -31.07
N GLU A 55 -20.37 -4.30 -30.81
CA GLU A 55 -21.12 -3.81 -29.68
C GLU A 55 -20.60 -4.37 -28.36
N GLN A 56 -20.64 -5.68 -28.18
CA GLN A 56 -20.10 -6.31 -26.99
C GLN A 56 -18.60 -6.12 -26.85
N HIS A 57 -17.94 -5.67 -27.91
CA HIS A 57 -16.52 -5.30 -27.83
C HIS A 57 -16.32 -3.92 -27.16
N LYS A 58 -17.27 -3.01 -27.34
CA LYS A 58 -17.14 -1.66 -26.80
C LYS A 58 -17.35 -1.63 -25.32
N ILE A 59 -18.19 -2.54 -24.84
CA ILE A 59 -18.42 -2.68 -23.39
C ILE A 59 -17.15 -3.17 -22.68
N VAL A 60 -16.36 -3.96 -23.40
CA VAL A 60 -15.08 -4.48 -22.92
C VAL A 60 -14.03 -3.37 -22.94
N MET A 61 -13.94 -2.65 -24.05
CA MET A 61 -12.93 -1.59 -24.22
C MET A 61 -13.10 -0.44 -23.25
N GLU A 62 -14.29 -0.34 -22.67
CA GLU A 62 -14.58 0.72 -21.70
C GLU A 62 -14.08 0.43 -20.30
N THR A 63 -13.93 -0.84 -19.99
CA THR A 63 -13.32 -1.23 -18.72
C THR A 63 -11.83 -0.86 -18.65
N VAL A 64 -11.22 -0.64 -19.82
CA VAL A 64 -9.79 -0.24 -19.88
C VAL A 64 -9.47 1.05 -19.12
N PRO A 65 -9.98 2.19 -19.60
CA PRO A 65 -9.62 3.42 -18.91
C PRO A 65 -9.85 3.30 -17.41
N VAL A 66 -10.76 2.39 -17.02
CA VAL A 66 -11.08 2.10 -15.63
C VAL A 66 -9.94 1.38 -14.91
N LEU A 67 -9.49 0.27 -15.48
CA LEU A 67 -8.42 -0.51 -14.90
C LEU A 67 -7.14 0.30 -15.03
N LYS A 68 -6.98 1.03 -16.14
CA LYS A 68 -5.87 1.96 -16.26
C LYS A 68 -5.85 2.84 -15.03
N ALA A 69 -7.02 3.40 -14.71
CA ALA A 69 -7.20 4.19 -13.51
C ALA A 69 -6.82 3.38 -12.30
N GLN A 70 -7.64 2.37 -11.96
CA GLN A 70 -7.42 1.56 -10.77
C GLN A 70 -5.95 1.26 -10.52
N ALA A 71 -5.24 0.88 -11.58
CA ALA A 71 -3.79 0.67 -11.49
C ALA A 71 -3.11 1.93 -10.97
N ASP A 72 -3.33 3.05 -11.65
CA ASP A 72 -2.58 4.27 -11.36
C ASP A 72 -2.76 4.77 -9.93
N ILE A 73 -4.02 4.71 -9.48
CA ILE A 73 -4.43 5.01 -8.12
C ILE A 73 -3.65 4.12 -7.14
N TYR A 74 -3.66 2.82 -7.37
CA TYR A 74 -3.05 1.96 -6.39
C TYR A 74 -1.53 2.06 -6.41
N LYS A 75 -0.95 2.30 -7.57
CA LYS A 75 0.51 2.49 -7.68
C LYS A 75 0.94 3.67 -6.83
N ALA A 76 0.10 4.70 -6.80
CA ALA A 76 0.40 5.98 -6.19
C ALA A 76 0.16 5.80 -4.74
N ASP A 77 -0.99 5.23 -4.44
CA ASP A 77 -1.34 4.98 -3.06
C ASP A 77 -0.32 4.09 -2.33
N PHE A 78 0.19 3.10 -3.05
CA PHE A 78 1.26 2.33 -2.53
C PHE A 78 2.51 3.15 -2.25
N GLN A 79 2.99 3.90 -3.23
CA GLN A 79 4.22 4.62 -3.01
C GLN A 79 4.05 5.46 -1.74
N ALA A 80 2.90 6.10 -1.64
CA ALA A 80 2.58 6.94 -0.49
C ALA A 80 2.66 6.10 0.78
N GLU A 81 1.98 4.95 0.82
CA GLU A 81 2.09 4.11 2.00
C GLU A 81 3.56 3.79 2.33
N ARG A 82 4.30 3.20 1.38
CA ARG A 82 5.64 2.78 1.69
C ARG A 82 6.47 3.94 2.24
N HIS A 83 6.36 5.12 1.63
CA HIS A 83 7.14 6.26 2.10
C HIS A 83 6.86 6.55 3.57
N ALA A 84 5.61 6.36 3.97
CA ALA A 84 5.19 6.48 5.34
C ALA A 84 5.67 5.31 6.10
N ARG A 85 5.63 4.13 5.50
CA ARG A 85 5.91 2.94 6.28
C ARG A 85 7.40 2.82 6.65
N GLU A 86 8.24 3.17 5.69
CA GLU A 86 9.67 3.35 5.95
C GLU A 86 9.84 4.32 7.11
N LYS A 87 9.16 5.46 7.05
CA LYS A 87 9.35 6.51 8.05
C LYS A 87 9.06 5.99 9.46
N LEU A 88 8.01 5.14 9.58
CA LEU A 88 7.57 4.56 10.86
C LEU A 88 8.63 3.60 11.19
N VAL A 89 8.98 2.74 10.25
CA VAL A 89 10.02 1.80 10.57
C VAL A 89 11.19 2.49 11.26
N GLU A 90 11.58 3.66 10.79
CA GLU A 90 12.71 4.32 11.39
C GLU A 90 12.34 4.68 12.84
N LYS A 91 11.29 5.49 13.01
CA LYS A 91 10.82 5.81 14.31
C LYS A 91 10.79 4.57 15.20
N LYS A 92 10.26 3.43 14.74
CA LYS A 92 10.21 2.23 15.59
C LYS A 92 11.60 1.80 16.05
N GLU A 93 12.56 1.74 15.12
CA GLU A 93 13.93 1.32 15.44
C GLU A 93 14.57 2.29 16.42
N TYR A 94 14.16 3.54 16.31
CA TYR A 94 14.69 4.58 17.15
C TYR A 94 14.22 4.40 18.56
N LEU A 95 12.90 4.27 18.71
CA LEU A 95 12.27 4.10 20.02
C LEU A 95 12.61 2.79 20.64
N GLN A 96 12.82 1.76 19.83
CA GLN A 96 13.34 0.47 20.31
C GLN A 96 14.71 0.66 20.92
N GLU A 97 15.58 1.39 20.23
CA GLU A 97 16.94 1.72 20.73
C GLU A 97 16.91 2.38 22.09
N GLN A 98 15.93 3.24 22.29
CA GLN A 98 15.94 4.12 23.43
C GLN A 98 15.55 3.38 24.66
N LEU A 99 14.76 2.33 24.48
CA LEU A 99 14.35 1.49 25.61
C LEU A 99 15.52 0.68 26.09
N GLU A 100 16.22 0.12 25.12
CA GLU A 100 17.41 -0.59 25.40
C GLU A 100 18.32 0.28 26.26
N GLN A 101 18.16 1.60 26.11
CA GLN A 101 18.90 2.52 26.99
C GLN A 101 18.36 2.52 28.39
N LEU A 102 17.08 2.86 28.53
CA LEU A 102 16.47 2.97 29.84
C LEU A 102 16.52 1.68 30.65
N GLN A 103 16.20 0.53 30.05
CA GLN A 103 16.37 -0.74 30.76
C GLN A 103 17.82 -0.93 31.15
N ARG A 104 18.72 -0.68 30.19
CA ARG A 104 20.17 -0.81 30.39
C ARG A 104 20.72 0.15 31.47
N GLU A 105 19.86 1.05 31.95
CA GLU A 105 20.19 1.93 33.08
C GLU A 105 19.54 1.44 34.39
N PHE A 106 18.48 0.65 34.26
CA PHE A 106 17.84 0.09 35.43
C PHE A 106 18.58 -1.10 36.03
N ASN A 107 19.59 -1.62 35.31
CA ASN A 107 20.50 -2.67 35.83
C ASN A 107 21.76 -2.08 36.45
N LYS A 108 22.16 -0.95 35.88
CA LYS A 108 23.24 -0.14 36.42
C LYS A 108 22.72 0.57 37.68
N LEU A 109 21.68 1.39 37.49
CA LEU A 109 21.15 2.27 38.55
C LEU A 109 19.94 1.68 39.32
N LYS A 110 19.80 0.35 39.29
CA LYS A 110 18.93 -0.37 40.23
C LYS A 110 19.43 -0.17 41.67
N HIS B 20 -45.29 -7.88 -70.58
CA HIS B 20 -44.35 -6.97 -71.27
C HIS B 20 -43.79 -7.60 -72.56
N MET B 21 -42.55 -7.25 -72.88
CA MET B 21 -41.86 -7.72 -74.07
C MET B 21 -40.52 -8.39 -73.72
N ALA B 22 -40.34 -9.63 -74.18
CA ALA B 22 -39.10 -10.38 -73.96
C ALA B 22 -37.91 -9.44 -73.95
N SER B 23 -37.92 -8.52 -74.91
CA SER B 23 -36.93 -7.48 -75.08
C SER B 23 -36.72 -6.78 -73.73
N MET B 24 -37.83 -6.51 -73.06
CA MET B 24 -37.90 -5.61 -71.92
C MET B 24 -37.51 -6.23 -70.57
N GLN B 25 -37.88 -7.50 -70.36
CA GLN B 25 -37.56 -8.19 -69.09
C GLN B 25 -36.08 -8.56 -68.98
N LEU B 26 -35.42 -8.74 -70.13
CA LEU B 26 -33.96 -8.91 -70.17
C LEU B 26 -33.25 -7.66 -69.63
N GLU B 27 -33.77 -6.49 -69.97
CA GLU B 27 -33.23 -5.25 -69.44
C GLU B 27 -33.56 -5.11 -67.96
N ASP B 28 -34.86 -5.24 -67.68
CA ASP B 28 -35.36 -5.30 -66.33
C ASP B 28 -34.44 -6.13 -65.43
N LEU B 29 -34.08 -7.33 -65.89
CA LEU B 29 -33.24 -8.23 -65.10
C LEU B 29 -31.82 -7.76 -65.08
N ARG B 30 -31.26 -7.37 -66.22
CA ARG B 30 -29.89 -6.86 -66.22
C ARG B 30 -29.78 -5.61 -65.35
N GLN B 31 -30.85 -4.82 -65.37
CA GLN B 31 -30.96 -3.59 -64.59
C GLN B 31 -30.99 -3.90 -63.09
N GLN B 32 -31.84 -4.83 -62.68
CA GLN B 32 -31.91 -5.14 -61.24
C GLN B 32 -30.81 -6.09 -60.74
N LEU B 33 -30.07 -6.67 -61.69
CA LEU B 33 -28.81 -7.32 -61.38
C LEU B 33 -27.73 -6.26 -61.16
N GLN B 34 -27.81 -5.13 -61.87
CA GLN B 34 -26.90 -4.02 -61.60
C GLN B 34 -27.09 -3.50 -60.19
N GLN B 35 -28.33 -3.57 -59.70
CA GLN B 35 -28.67 -3.20 -58.32
C GLN B 35 -27.87 -4.01 -57.32
N ALA B 36 -28.17 -5.30 -57.26
CA ALA B 36 -27.52 -6.18 -56.32
C ALA B 36 -26.00 -6.15 -56.42
N GLU B 37 -25.46 -6.20 -57.65
CA GLU B 37 -24.00 -6.25 -57.87
C GLU B 37 -23.28 -4.99 -57.38
N GLU B 38 -23.88 -3.82 -57.63
CA GLU B 38 -23.43 -2.55 -57.03
C GLU B 38 -23.65 -2.58 -55.51
N ALA B 39 -24.82 -3.06 -55.08
CA ALA B 39 -25.16 -3.19 -53.66
C ALA B 39 -24.20 -4.13 -52.97
N LEU B 40 -23.81 -5.21 -53.63
CA LEU B 40 -22.88 -6.18 -53.07
C LEU B 40 -21.48 -5.64 -52.72
N VAL B 41 -20.97 -4.66 -53.48
CA VAL B 41 -19.64 -4.09 -53.16
C VAL B 41 -19.72 -3.00 -52.10
N ALA B 42 -20.87 -2.33 -52.05
CA ALA B 42 -21.15 -1.36 -51.00
C ALA B 42 -21.42 -2.07 -49.67
N LYS B 43 -22.06 -3.24 -49.74
CA LYS B 43 -22.21 -4.09 -48.56
C LYS B 43 -20.92 -4.81 -48.21
N GLN B 44 -20.13 -5.20 -49.21
CA GLN B 44 -18.85 -5.86 -48.94
C GLN B 44 -17.83 -4.89 -48.34
N GLU B 45 -17.86 -3.66 -48.84
CA GLU B 45 -16.97 -2.61 -48.38
C GLU B 45 -17.20 -2.30 -46.91
N LEU B 46 -18.46 -2.38 -46.49
CA LEU B 46 -18.84 -2.13 -45.11
C LEU B 46 -18.29 -3.22 -44.21
N ILE B 47 -18.32 -4.46 -44.69
CA ILE B 47 -17.74 -5.59 -43.99
C ILE B 47 -16.26 -5.37 -43.69
N ASP B 48 -15.50 -4.94 -44.69
CA ASP B 48 -14.06 -4.79 -44.53
C ASP B 48 -13.68 -3.75 -43.49
N LYS B 49 -14.45 -2.67 -43.46
CA LYS B 49 -14.24 -1.61 -42.48
C LYS B 49 -14.56 -2.15 -41.09
N LEU B 50 -15.54 -3.03 -41.00
CA LEU B 50 -15.88 -3.64 -39.71
C LEU B 50 -14.83 -4.66 -39.25
N LYS B 51 -14.34 -5.48 -40.19
CA LYS B 51 -13.38 -6.53 -39.85
C LYS B 51 -12.05 -5.95 -39.34
N GLU B 52 -11.53 -4.97 -40.08
CA GLU B 52 -10.26 -4.33 -39.76
C GLU B 52 -10.37 -3.57 -38.44
N GLU B 53 -11.59 -3.14 -38.12
CA GLU B 53 -11.87 -2.45 -36.86
C GLU B 53 -12.03 -3.43 -35.71
N ALA B 54 -12.75 -4.51 -35.96
CA ALA B 54 -12.88 -5.59 -34.97
C ALA B 54 -11.48 -6.08 -34.57
N GLU B 55 -10.56 -6.06 -35.52
CA GLU B 55 -9.17 -6.41 -35.30
C GLU B 55 -8.47 -5.47 -34.31
N GLN B 56 -8.64 -4.17 -34.49
CA GLN B 56 -8.08 -3.16 -33.60
C GLN B 56 -8.77 -3.17 -32.23
N HIS B 57 -10.01 -3.66 -32.18
CA HIS B 57 -10.68 -3.87 -30.91
C HIS B 57 -10.15 -5.11 -30.18
N LYS B 58 -9.70 -6.11 -30.93
CA LYS B 58 -9.18 -7.32 -30.30
C LYS B 58 -7.76 -7.14 -29.73
N ILE B 59 -6.96 -6.28 -30.37
CA ILE B 59 -5.61 -6.03 -29.89
C ILE B 59 -5.62 -5.15 -28.65
N VAL B 60 -6.72 -4.44 -28.40
CA VAL B 60 -6.90 -3.80 -27.10
C VAL B 60 -7.53 -4.76 -26.09
N MET B 61 -8.46 -5.58 -26.51
CA MET B 61 -9.05 -6.56 -25.61
C MET B 61 -8.03 -7.53 -25.01
N GLU B 62 -6.95 -7.84 -25.76
CA GLU B 62 -5.78 -8.53 -25.18
C GLU B 62 -5.23 -7.80 -23.92
N THR B 63 -5.23 -6.48 -23.97
CA THR B 63 -4.58 -5.69 -22.93
C THR B 63 -5.29 -5.80 -21.57
N VAL B 64 -6.58 -6.16 -21.61
CA VAL B 64 -7.42 -6.22 -20.39
C VAL B 64 -7.00 -7.23 -19.34
N PRO B 65 -6.98 -8.53 -19.67
CA PRO B 65 -6.64 -9.44 -18.57
C PRO B 65 -5.25 -9.10 -18.02
N VAL B 66 -4.41 -8.49 -18.88
CA VAL B 66 -3.06 -7.99 -18.50
C VAL B 66 -3.15 -6.77 -17.56
N LEU B 67 -3.86 -5.76 -18.05
CA LEU B 67 -4.07 -4.52 -17.34
C LEU B 67 -4.75 -4.81 -16.02
N LYS B 68 -5.70 -5.75 -16.04
CA LYS B 68 -6.48 -6.05 -14.85
C LYS B 68 -5.67 -6.76 -13.82
N ALA B 69 -5.04 -7.86 -14.23
CA ALA B 69 -4.23 -8.61 -13.32
C ALA B 69 -3.22 -7.69 -12.63
N GLN B 70 -2.53 -6.85 -13.39
CA GLN B 70 -1.57 -5.91 -12.85
C GLN B 70 -2.15 -4.93 -11.78
N ALA B 71 -3.34 -4.40 -12.06
CA ALA B 71 -4.02 -3.53 -11.14
C ALA B 71 -4.36 -4.33 -9.88
N ASP B 72 -4.73 -5.58 -10.03
CA ASP B 72 -4.91 -6.37 -8.83
C ASP B 72 -3.61 -6.57 -8.04
N ILE B 73 -2.47 -6.63 -8.73
CA ILE B 73 -1.15 -6.74 -8.08
C ILE B 73 -0.83 -5.49 -7.26
N TYR B 74 -1.13 -4.34 -7.84
CA TYR B 74 -0.87 -3.08 -7.19
C TYR B 74 -1.87 -2.86 -6.03
N LYS B 75 -3.12 -3.30 -6.19
CA LYS B 75 -4.07 -3.18 -5.08
C LYS B 75 -3.58 -4.04 -3.94
N ALA B 76 -3.39 -5.32 -4.22
CA ALA B 76 -2.80 -6.23 -3.24
C ALA B 76 -1.59 -5.60 -2.56
N ASP B 77 -0.77 -4.88 -3.32
CA ASP B 77 0.46 -4.33 -2.80
C ASP B 77 0.22 -3.24 -1.78
N PHE B 78 -0.47 -2.19 -2.20
CA PHE B 78 -0.97 -1.22 -1.24
C PHE B 78 -1.57 -1.91 -0.03
N GLN B 79 -2.60 -2.73 -0.17
CA GLN B 79 -3.29 -3.20 1.04
C GLN B 79 -2.35 -3.82 2.01
N ALA B 80 -1.63 -4.86 1.59
CA ALA B 80 -0.55 -5.44 2.42
C ALA B 80 0.28 -4.36 3.15
N GLU B 81 0.78 -3.37 2.41
CA GLU B 81 1.53 -2.26 2.99
C GLU B 81 0.75 -1.62 4.13
N ARG B 82 -0.49 -1.24 3.85
CA ARG B 82 -1.33 -0.59 4.79
C ARG B 82 -1.51 -1.40 6.07
N HIS B 83 -1.71 -2.69 5.91
CA HIS B 83 -1.77 -3.66 7.02
C HIS B 83 -0.51 -3.59 7.91
N ALA B 84 0.63 -3.37 7.28
CA ALA B 84 1.88 -3.34 7.97
C ALA B 84 1.97 -1.98 8.65
N ARG B 85 1.66 -0.93 7.88
CA ARG B 85 1.83 0.41 8.37
C ARG B 85 0.89 0.56 9.55
N GLU B 86 -0.33 0.00 9.46
CA GLU B 86 -1.26 0.11 10.56
C GLU B 86 -0.63 -0.56 11.76
N LYS B 87 -0.08 -1.77 11.59
CA LYS B 87 0.59 -2.47 12.71
C LYS B 87 1.71 -1.62 13.34
N LEU B 88 2.50 -0.95 12.51
CA LEU B 88 3.61 -0.15 13.04
C LEU B 88 3.15 1.12 13.82
N VAL B 89 2.09 1.78 13.35
CA VAL B 89 1.54 2.99 13.95
C VAL B 89 1.34 2.73 15.40
N GLU B 90 0.74 1.58 15.71
CA GLU B 90 0.40 1.24 17.07
C GLU B 90 1.63 0.82 17.83
N LYS B 91 2.47 0.01 17.21
CA LYS B 91 3.72 -0.38 17.83
C LYS B 91 4.44 0.88 18.31
N LYS B 92 4.43 1.90 17.47
CA LYS B 92 5.02 3.18 17.80
C LYS B 92 4.33 3.74 19.06
N GLU B 93 3.01 3.92 18.97
CA GLU B 93 2.22 4.44 20.06
C GLU B 93 2.65 3.73 21.32
N TYR B 94 2.89 2.43 21.19
CA TYR B 94 3.27 1.58 22.33
C TYR B 94 4.63 1.88 22.94
N LEU B 95 5.63 1.94 22.08
CA LEU B 95 6.95 2.22 22.51
C LEU B 95 7.03 3.63 23.09
N GLN B 96 6.50 4.60 22.34
CA GLN B 96 6.45 5.99 22.76
C GLN B 96 6.02 6.05 24.23
N GLU B 97 5.08 5.20 24.60
CA GLU B 97 4.57 5.13 25.93
C GLU B 97 5.45 4.39 26.92
N GLN B 98 6.12 3.34 26.47
CA GLN B 98 7.02 2.63 27.38
C GLN B 98 8.12 3.59 27.75
N LEU B 99 8.71 4.21 26.72
CA LEU B 99 9.78 5.17 26.90
C LEU B 99 9.28 6.34 27.76
N GLU B 100 7.97 6.57 27.77
CA GLU B 100 7.34 7.57 28.61
C GLU B 100 7.34 7.08 30.04
N GLN B 101 6.87 5.85 30.28
CA GLN B 101 6.87 5.29 31.65
C GLN B 101 8.26 5.25 32.24
N LEU B 102 9.13 4.52 31.57
CA LEU B 102 10.41 4.24 32.15
C LEU B 102 11.13 5.51 32.45
N GLN B 103 10.99 6.52 31.59
CA GLN B 103 11.58 7.80 31.90
C GLN B 103 11.01 8.37 33.20
N ARG B 104 9.68 8.31 33.34
CA ARG B 104 8.96 8.73 34.53
C ARG B 104 9.49 8.03 35.81
N GLU B 105 9.82 6.75 35.68
CA GLU B 105 10.45 6.02 36.78
C GLU B 105 11.88 6.50 36.97
N PHE B 106 12.63 6.55 35.87
CA PHE B 106 14.05 6.90 35.93
C PHE B 106 14.29 8.35 36.33
N ASN B 107 13.26 9.17 36.24
CA ASN B 107 13.34 10.51 36.78
C ASN B 107 12.97 10.52 38.26
N LYS B 108 12.01 9.68 38.63
CA LYS B 108 11.63 9.52 40.03
C LYS B 108 12.77 8.88 40.83
N LEU B 109 13.74 8.29 40.13
CA LEU B 109 14.87 7.62 40.79
C LEU B 109 16.08 8.54 41.02
N LYS B 110 15.83 9.83 41.22
CA LYS B 110 16.81 10.73 41.87
C LYS B 110 16.60 10.79 43.39
N SER C 12 -12.91 -21.43 30.02
CA SER C 12 -12.81 -20.26 30.93
C SER C 12 -12.10 -19.06 30.29
N ASP C 13 -12.05 -17.96 31.03
CA ASP C 13 -11.22 -16.80 30.72
C ASP C 13 -9.78 -16.98 31.23
N LEU C 14 -9.44 -18.17 31.70
CA LEU C 14 -8.08 -18.49 32.14
C LEU C 14 -7.06 -18.19 31.06
N GLY C 15 -7.46 -18.39 29.80
CA GLY C 15 -6.64 -18.02 28.64
C GLY C 15 -6.68 -16.54 28.35
N LYS C 16 -7.78 -15.89 28.73
CA LYS C 16 -7.95 -14.45 28.57
C LYS C 16 -6.98 -13.66 29.46
N LYS C 17 -6.71 -14.16 30.67
CA LYS C 17 -5.74 -13.57 31.60
C LYS C 17 -4.32 -13.83 31.10
N LEU C 18 -4.16 -14.98 30.46
CA LEU C 18 -2.89 -15.42 29.88
C LEU C 18 -2.48 -14.59 28.67
N LEU C 19 -3.47 -14.26 27.86
CA LEU C 19 -3.23 -13.39 26.73
C LEU C 19 -2.53 -12.12 27.21
N GLU C 20 -3.00 -11.54 28.29
CA GLU C 20 -2.41 -10.30 28.76
C GLU C 20 -1.08 -10.55 29.42
N ALA C 21 -0.98 -11.66 30.13
CA ALA C 21 0.29 -12.05 30.75
C ALA C 21 1.40 -12.01 29.69
N ALA C 22 1.09 -12.66 28.56
CA ALA C 22 1.96 -12.76 27.42
C ALA C 22 2.26 -11.42 26.81
N ARG C 23 1.23 -10.62 26.59
CA ARG C 23 1.37 -9.26 26.04
C ARG C 23 2.26 -8.38 26.92
N ALA C 24 1.97 -8.38 28.23
CA ALA C 24 2.66 -7.52 29.21
C ALA C 24 4.00 -8.08 29.67
N GLY C 25 4.31 -9.29 29.23
CA GLY C 25 5.60 -9.85 29.56
C GLY C 25 5.66 -10.39 30.96
N GLN C 26 4.49 -10.78 31.48
CA GLN C 26 4.37 -11.29 32.83
C GLN C 26 4.91 -12.73 32.93
N ASP C 27 6.23 -12.85 33.06
CA ASP C 27 6.88 -14.17 33.08
C ASP C 27 6.23 -15.13 34.04
N ASP C 28 5.99 -14.64 35.26
CA ASP C 28 5.46 -15.46 36.30
C ASP C 28 4.00 -15.78 36.11
N GLU C 29 3.20 -14.81 35.63
CA GLU C 29 1.77 -15.08 35.47
C GLU C 29 1.60 -16.18 34.42
N VAL C 30 2.32 -16.06 33.31
CA VAL C 30 2.32 -17.10 32.30
C VAL C 30 2.39 -18.46 32.99
N ARG C 31 3.48 -18.68 33.75
CA ARG C 31 3.72 -19.93 34.41
C ARG C 31 2.51 -20.32 35.23
N ILE C 32 2.13 -19.46 36.20
CA ILE C 32 0.98 -19.71 37.12
C ILE C 32 -0.30 -20.14 36.36
N LEU C 33 -0.50 -19.57 35.18
CA LEU C 33 -1.69 -19.84 34.38
C LEU C 33 -1.55 -21.14 33.53
N MET C 34 -0.31 -21.54 33.27
CA MET C 34 -0.05 -22.85 32.68
C MET C 34 -0.30 -23.96 33.70
N ALA C 35 -0.07 -23.63 34.96
CA ALA C 35 -0.26 -24.55 36.07
C ALA C 35 -1.74 -24.83 36.36
N ASN C 36 -2.59 -23.83 36.12
CA ASN C 36 -4.04 -24.05 36.20
C ASN C 36 -4.54 -24.29 34.80
N GLY C 37 -3.63 -24.79 33.96
CA GLY C 37 -3.95 -25.36 32.65
C GLY C 37 -4.79 -24.54 31.69
N ALA C 38 -4.58 -23.23 31.65
CA ALA C 38 -5.26 -22.41 30.66
C ALA C 38 -4.54 -22.64 29.33
N ASP C 39 -5.33 -22.71 28.28
CA ASP C 39 -4.90 -23.23 26.99
C ASP C 39 -3.79 -22.40 26.37
N VAL C 40 -2.69 -23.05 26.03
CA VAL C 40 -1.58 -22.32 25.43
C VAL C 40 -1.91 -21.76 24.03
N ASN C 41 -3.11 -22.04 23.54
CA ASN C 41 -3.57 -21.58 22.23
C ASN C 41 -4.71 -20.59 22.31
N ALA C 42 -4.88 -19.92 23.44
CA ALA C 42 -6.00 -19.01 23.62
C ALA C 42 -6.03 -17.94 22.53
N ASN C 43 -7.22 -17.55 22.10
CA ASN C 43 -7.38 -16.51 21.06
C ASN C 43 -8.09 -15.23 21.53
N ASP C 44 -7.57 -14.06 21.14
CA ASP C 44 -8.27 -12.80 21.39
C ASP C 44 -9.22 -12.51 20.23
N ARG C 45 -9.81 -11.31 20.17
CA ARG C 45 -10.79 -11.02 19.11
C ARG C 45 -10.07 -10.98 17.79
N LYS C 46 -8.79 -10.64 17.83
CA LYS C 46 -7.96 -10.53 16.63
C LYS C 46 -7.48 -11.88 16.10
N GLY C 47 -7.45 -12.88 16.94
CA GLY C 47 -7.01 -14.19 16.54
C GLY C 47 -5.60 -14.46 16.98
N ASN C 48 -5.10 -13.64 17.90
CA ASN C 48 -3.74 -13.80 18.43
C ASN C 48 -3.65 -14.90 19.46
N THR C 49 -2.59 -15.70 19.39
CA THR C 49 -2.35 -16.65 20.46
C THR C 49 -1.37 -16.02 21.42
N PRO C 50 -1.22 -16.59 22.63
CA PRO C 50 -0.19 -16.11 23.55
C PRO C 50 1.14 -15.97 22.83
N LEU C 51 1.57 -17.02 22.15
CA LEU C 51 2.74 -17.00 21.29
C LEU C 51 2.84 -15.78 20.37
N HIS C 52 1.70 -15.36 19.81
CA HIS C 52 1.68 -14.15 18.99
C HIS C 52 2.13 -12.95 19.78
N LEU C 53 1.36 -12.58 20.81
CA LEU C 53 1.70 -11.34 21.58
C LEU C 53 3.10 -11.45 22.13
N ALA C 54 3.42 -12.60 22.72
CA ALA C 54 4.78 -12.90 23.12
C ALA C 54 5.78 -12.42 22.10
N ALA C 55 5.59 -12.76 20.83
CA ALA C 55 6.46 -12.29 19.71
C ALA C 55 6.31 -10.80 19.47
N ASP C 56 5.05 -10.35 19.34
CA ASP C 56 4.71 -8.96 19.07
C ASP C 56 5.36 -8.03 20.09
N TYR C 57 5.83 -8.55 21.22
CA TYR C 57 6.42 -7.66 22.22
C TYR C 57 7.90 -7.88 22.63
N ASP C 58 8.64 -8.71 21.90
CA ASP C 58 10.07 -8.87 22.19
C ASP C 58 10.25 -9.65 23.51
N HIS C 59 9.26 -10.48 23.83
CA HIS C 59 9.27 -11.23 25.08
C HIS C 59 9.88 -12.64 24.97
N LEU C 60 11.18 -12.70 24.66
CA LEU C 60 11.87 -13.95 24.36
C LEU C 60 11.43 -15.06 25.25
N GLU C 61 11.65 -14.85 26.53
CA GLU C 61 11.49 -15.88 27.54
C GLU C 61 10.09 -16.44 27.58
N ILE C 62 9.12 -15.62 27.17
CA ILE C 62 7.72 -16.04 27.21
C ILE C 62 7.34 -16.90 26.00
N VAL C 63 7.84 -16.51 24.83
CA VAL C 63 7.79 -17.34 23.64
C VAL C 63 8.27 -18.74 24.03
N GLU C 64 9.40 -18.75 24.72
CA GLU C 64 10.13 -19.94 25.06
C GLU C 64 9.26 -20.97 25.75
N VAL C 65 8.64 -20.55 26.84
CA VAL C 65 7.87 -21.43 27.68
C VAL C 65 6.55 -21.77 27.01
N LEU C 66 6.06 -20.89 26.15
CA LEU C 66 4.91 -21.22 25.35
C LEU C 66 5.27 -22.45 24.47
N LEU C 67 6.25 -22.26 23.59
CA LEU C 67 6.71 -23.34 22.75
C LEU C 67 6.92 -24.61 23.54
N LYS C 68 7.53 -24.48 24.71
CA LYS C 68 7.81 -25.65 25.53
C LYS C 68 6.63 -26.12 26.38
N HIS C 69 5.45 -25.53 26.14
CA HIS C 69 4.15 -26.02 26.68
C HIS C 69 3.17 -26.43 25.54
N GLY C 70 3.74 -26.76 24.39
CA GLY C 70 2.97 -27.21 23.24
C GLY C 70 2.21 -26.13 22.48
N ALA C 71 2.77 -24.92 22.37
CA ALA C 71 2.09 -23.83 21.68
C ALA C 71 2.31 -23.93 20.19
N ASP C 72 1.25 -23.73 19.42
CA ASP C 72 1.30 -23.82 17.98
C ASP C 72 2.18 -22.73 17.38
N VAL C 73 3.36 -23.16 16.91
CA VAL C 73 4.37 -22.25 16.38
C VAL C 73 3.97 -21.59 15.07
N ASN C 74 2.96 -22.14 14.41
CA ASN C 74 2.47 -21.57 13.15
C ASN C 74 1.03 -21.10 13.23
N ALA C 75 0.65 -20.54 14.38
CA ALA C 75 -0.67 -19.99 14.56
C ALA C 75 -0.92 -18.80 13.67
N HIS C 76 -2.09 -18.82 13.05
CA HIS C 76 -2.51 -17.75 12.20
C HIS C 76 -3.54 -16.94 12.93
N ASP C 77 -3.34 -15.62 12.96
CA ASP C 77 -4.29 -14.70 13.52
C ASP C 77 -5.35 -14.48 12.45
N ASN C 78 -6.44 -13.81 12.77
CA ASN C 78 -7.57 -13.69 11.83
C ASN C 78 -7.17 -13.16 10.48
N ASP C 79 -6.02 -12.50 10.42
CA ASP C 79 -5.47 -11.92 9.20
C ASP C 79 -4.48 -12.82 8.48
N GLY C 80 -4.26 -14.00 9.05
CA GLY C 80 -3.31 -14.93 8.52
C GLY C 80 -1.90 -14.79 9.07
N SER C 81 -1.65 -13.86 9.98
CA SER C 81 -0.28 -13.59 10.46
C SER C 81 0.16 -14.62 11.43
N THR C 82 1.47 -14.81 11.49
CA THR C 82 2.03 -15.78 12.40
C THR C 82 3.00 -15.10 13.35
N PRO C 83 3.34 -15.77 14.45
CA PRO C 83 4.22 -15.09 15.39
C PRO C 83 5.53 -14.73 14.72
N LEU C 84 5.82 -15.49 13.68
CA LEU C 84 7.00 -15.26 12.90
C LEU C 84 6.85 -13.96 12.08
N HIS C 85 5.72 -13.78 11.43
CA HIS C 85 5.46 -12.54 10.71
C HIS C 85 5.67 -11.31 11.61
N LEU C 86 4.96 -11.28 12.73
CA LEU C 86 4.99 -10.15 13.67
C LEU C 86 6.45 -9.89 14.03
N ALA C 87 7.09 -10.94 14.55
CA ALA C 87 8.52 -10.95 14.82
C ALA C 87 9.32 -10.27 13.76
N ALA C 88 8.99 -10.57 12.50
CA ALA C 88 9.77 -10.09 11.38
C ALA C 88 9.44 -8.65 11.34
N LEU C 89 8.16 -8.34 11.16
CA LEU C 89 7.74 -6.97 10.99
C LEU C 89 8.45 -6.02 11.94
N PHE C 90 8.57 -6.42 13.19
CA PHE C 90 9.02 -5.46 14.17
C PHE C 90 10.50 -5.55 14.46
N GLY C 91 11.25 -6.37 13.72
CA GLY C 91 12.71 -6.39 13.86
C GLY C 91 13.24 -7.01 15.15
N HIS C 92 12.48 -7.99 15.65
CA HIS C 92 12.87 -8.76 16.83
C HIS C 92 13.68 -9.99 16.44
N LEU C 93 14.73 -9.80 15.64
CA LEU C 93 15.67 -10.85 15.23
C LEU C 93 15.75 -12.08 16.17
N GLU C 94 15.93 -11.84 17.45
CA GLU C 94 16.13 -12.90 18.42
C GLU C 94 14.88 -13.75 18.66
N ILE C 95 13.71 -13.25 18.35
CA ILE C 95 12.55 -14.11 18.50
C ILE C 95 12.33 -14.91 17.22
N VAL C 96 12.63 -14.26 16.09
CA VAL C 96 12.93 -14.94 14.83
C VAL C 96 13.79 -16.18 15.10
N GLU C 97 14.99 -15.97 15.63
CA GLU C 97 15.96 -17.04 15.86
C GLU C 97 15.32 -18.23 16.53
N VAL C 98 14.59 -17.98 17.60
CA VAL C 98 14.06 -19.09 18.38
C VAL C 98 12.74 -19.63 17.82
N LEU C 99 11.98 -18.79 17.13
CA LEU C 99 10.84 -19.29 16.37
C LEU C 99 11.26 -20.27 15.23
N LEU C 100 12.49 -20.13 14.72
CA LEU C 100 13.04 -21.07 13.74
C LEU C 100 13.59 -22.34 14.42
N LYS C 101 14.37 -22.18 15.48
CA LYS C 101 14.86 -23.28 16.27
C LYS C 101 13.73 -24.25 16.64
N HIS C 102 12.51 -23.73 16.80
CA HIS C 102 11.34 -24.58 17.08
C HIS C 102 10.51 -24.71 15.79
N GLY C 103 11.22 -24.81 14.67
CA GLY C 103 10.66 -25.17 13.34
C GLY C 103 9.43 -24.45 12.81
N ALA C 104 9.28 -23.17 13.13
CA ALA C 104 8.29 -22.30 12.52
C ALA C 104 8.46 -22.33 11.03
N ASP C 105 7.35 -22.39 10.30
CA ASP C 105 7.42 -22.48 8.86
C ASP C 105 7.72 -21.14 8.24
N VAL C 106 8.95 -21.00 7.76
CA VAL C 106 9.40 -19.74 7.17
C VAL C 106 8.49 -19.31 6.03
N ASN C 107 8.13 -20.26 5.17
CA ASN C 107 7.33 -19.99 3.98
C ASN C 107 5.84 -19.76 4.19
N ALA C 108 5.40 -19.87 5.44
CA ALA C 108 4.04 -19.48 5.82
C ALA C 108 3.73 -18.04 5.36
N GLN C 109 2.53 -17.86 4.86
CA GLN C 109 2.08 -16.57 4.38
C GLN C 109 0.79 -16.15 5.07
N ASP C 110 0.60 -14.86 5.20
CA ASP C 110 -0.66 -14.33 5.71
C ASP C 110 -1.64 -14.16 4.57
N LYS C 111 -2.75 -13.51 4.85
CA LYS C 111 -3.86 -13.50 3.95
C LYS C 111 -3.61 -12.62 2.74
N PHE C 112 -2.58 -11.77 2.82
CA PHE C 112 -2.14 -10.96 1.70
C PHE C 112 -1.07 -11.63 0.89
N GLY C 113 -0.58 -12.76 1.36
CA GLY C 113 0.40 -13.51 0.59
C GLY C 113 1.82 -13.24 0.99
N LYS C 114 2.01 -12.32 1.94
CA LYS C 114 3.34 -12.00 2.48
C LYS C 114 3.99 -13.19 3.15
N THR C 115 5.31 -13.30 3.08
CA THR C 115 6.04 -14.17 4.01
C THR C 115 6.83 -13.30 4.94
N ALA C 116 7.45 -13.94 5.93
CA ALA C 116 8.31 -13.21 6.87
C ALA C 116 9.42 -12.53 6.08
N PHE C 117 10.03 -13.26 5.16
CA PHE C 117 11.08 -12.72 4.32
C PHE C 117 10.60 -11.42 3.66
N ASP C 118 9.43 -11.50 3.06
CA ASP C 118 8.88 -10.35 2.38
C ASP C 118 8.79 -9.22 3.35
N ILE C 119 8.32 -9.51 4.55
CA ILE C 119 8.16 -8.45 5.54
C ILE C 119 9.50 -7.89 5.89
N SER C 120 10.53 -8.72 6.00
CA SER C 120 11.82 -8.14 6.27
C SER C 120 12.23 -7.29 5.07
N ILE C 121 12.14 -7.82 3.86
CA ILE C 121 12.57 -7.05 2.71
C ILE C 121 11.86 -5.71 2.65
N ASP C 122 10.57 -5.69 2.99
CA ASP C 122 9.82 -4.45 2.87
C ASP C 122 10.38 -3.42 3.79
N ASN C 123 10.77 -3.85 4.98
CA ASN C 123 11.40 -2.93 5.94
C ASN C 123 12.79 -2.42 5.54
N GLY C 124 13.45 -3.09 4.62
CA GLY C 124 14.82 -2.73 4.31
C GLY C 124 15.82 -3.40 5.23
N ASN C 125 15.37 -4.42 5.96
CA ASN C 125 16.22 -5.17 6.88
C ASN C 125 17.33 -5.96 6.20
N GLU C 126 18.48 -5.32 5.97
CA GLU C 126 19.58 -5.98 5.24
C GLU C 126 20.17 -7.18 6.00
N ASP C 127 19.75 -7.34 7.24
CA ASP C 127 20.22 -8.41 8.10
C ASP C 127 19.24 -9.55 8.22
N LEU C 128 18.05 -9.24 8.73
CA LEU C 128 16.97 -10.23 8.89
C LEU C 128 16.82 -10.96 7.58
N ALA C 129 17.09 -10.24 6.48
CA ALA C 129 17.10 -10.82 5.15
C ALA C 129 18.21 -11.91 4.96
N GLU C 130 19.47 -11.60 5.26
CA GLU C 130 20.58 -12.58 5.08
C GLU C 130 20.62 -13.74 6.10
N ILE C 131 19.61 -13.78 6.96
CA ILE C 131 19.51 -14.80 7.98
C ILE C 131 18.08 -15.43 8.01
N LEU C 132 17.20 -14.98 7.13
CA LEU C 132 15.99 -15.75 6.78
C LEU C 132 16.28 -16.48 5.44
N GLN C 133 17.46 -16.19 4.86
CA GLN C 133 18.05 -16.93 3.72
C GLN C 133 19.07 -18.00 4.19
N LYS C 134 19.13 -18.19 5.52
CA LYS C 134 19.57 -19.46 6.11
C LYS C 134 18.28 -20.29 6.32
N LEU C 135 17.66 -20.72 5.22
CA LEU C 135 16.30 -21.31 5.22
C LEU C 135 16.31 -22.76 5.64
N ASN C 136 15.62 -23.08 6.74
CA ASN C 136 15.75 -24.41 7.43
C ASN C 136 14.41 -25.15 7.63
N HIS D 9 25.28 29.58 5.24
CA HIS D 9 25.89 30.47 4.20
C HIS D 9 27.41 30.58 4.43
N HIS D 10 27.84 31.66 5.07
CA HIS D 10 29.25 31.78 5.35
C HIS D 10 29.72 30.77 6.40
N GLY D 11 29.53 29.47 6.17
CA GLY D 11 30.13 28.44 7.05
C GLY D 11 29.21 27.60 7.94
N SER D 12 28.13 27.10 7.32
CA SER D 12 27.07 26.36 8.00
C SER D 12 27.50 24.94 8.38
N ASP D 13 28.22 24.87 9.47
CA ASP D 13 28.42 23.65 10.19
C ASP D 13 27.96 24.07 11.58
N LEU D 14 27.48 25.30 11.66
CA LEU D 14 26.67 25.75 12.79
C LEU D 14 25.32 25.10 12.61
N GLY D 15 24.72 25.41 11.48
CA GLY D 15 23.46 24.81 11.09
C GLY D 15 23.45 23.31 11.17
N LYS D 16 24.59 22.65 10.97
CA LYS D 16 24.63 21.21 11.09
C LYS D 16 24.47 20.86 12.53
N LYS D 17 25.28 21.52 13.38
CA LYS D 17 25.24 21.34 14.83
C LYS D 17 23.82 21.59 15.37
N LEU D 18 23.11 22.55 14.77
CA LEU D 18 21.81 22.90 15.26
C LEU D 18 20.83 21.81 14.95
N LEU D 19 20.84 21.38 13.69
CA LEU D 19 19.91 20.34 13.21
C LEU D 19 20.10 19.16 14.10
N GLU D 20 21.36 18.87 14.42
CA GLU D 20 21.71 17.71 15.21
C GLU D 20 21.23 17.82 16.64
N ALA D 21 21.19 19.07 17.13
CA ALA D 21 20.71 19.35 18.47
C ALA D 21 19.19 19.35 18.52
N ALA D 22 18.54 19.73 17.43
CA ALA D 22 17.10 19.62 17.42
C ALA D 22 16.65 18.15 17.54
N ARG D 23 17.26 17.27 16.76
CA ARG D 23 17.00 15.85 16.87
C ARG D 23 17.30 15.33 18.28
N ALA D 24 18.51 15.61 18.78
CA ALA D 24 18.96 15.04 20.04
C ALA D 24 18.14 15.49 21.24
N GLY D 25 17.41 16.58 21.08
CA GLY D 25 16.54 17.08 22.13
C GLY D 25 17.28 17.98 23.08
N GLN D 26 18.54 18.25 22.75
CA GLN D 26 19.40 19.15 23.51
C GLN D 26 18.91 20.60 23.35
N ASP D 27 18.12 21.10 24.33
CA ASP D 27 17.60 22.48 24.29
C ASP D 27 18.62 23.55 24.60
N ASP D 28 19.55 23.30 25.50
CA ASP D 28 20.53 24.35 25.79
C ASP D 28 21.55 24.53 24.69
N GLU D 29 21.89 23.42 24.04
CA GLU D 29 22.69 23.45 22.81
C GLU D 29 22.02 24.30 21.73
N VAL D 30 20.71 24.14 21.60
CA VAL D 30 19.91 24.91 20.65
C VAL D 30 20.00 26.42 20.97
N ARG D 31 19.56 26.79 22.16
CA ARG D 31 19.67 28.15 22.69
C ARG D 31 21.03 28.79 22.40
N ILE D 32 22.10 28.05 22.68
CA ILE D 32 23.45 28.51 22.39
C ILE D 32 23.66 28.74 20.90
N LEU D 33 23.33 27.75 20.09
CA LEU D 33 23.62 27.84 18.69
C LEU D 33 22.89 29.02 18.06
N MET D 34 21.61 29.19 18.39
CA MET D 34 20.86 30.39 17.99
C MET D 34 21.69 31.64 18.31
N ALA D 35 22.15 31.76 19.56
CA ALA D 35 22.91 32.96 19.98
C ALA D 35 24.09 33.20 19.05
N ASN D 36 24.57 32.13 18.43
CA ASN D 36 25.72 32.22 17.56
C ASN D 36 25.39 32.52 16.12
N GLY D 37 24.11 32.61 15.80
CA GLY D 37 23.68 33.02 14.48
C GLY D 37 23.24 31.82 13.67
N ALA D 38 23.60 30.66 14.15
CA ALA D 38 23.15 29.41 13.56
C ALA D 38 21.81 29.53 12.83
N ASP D 39 21.81 29.11 11.55
CA ASP D 39 20.61 29.25 10.69
C ASP D 39 19.41 28.39 11.07
N VAL D 40 18.47 29.01 11.76
CA VAL D 40 17.22 28.39 12.14
C VAL D 40 16.57 27.60 10.99
N ASN D 41 16.75 28.02 9.74
CA ASN D 41 16.14 27.32 8.60
C ASN D 41 17.15 26.47 7.83
N ALA D 42 18.06 25.82 8.55
CA ALA D 42 19.12 25.07 7.94
C ALA D 42 18.57 23.74 7.42
N ASN D 43 19.24 23.16 6.41
CA ASN D 43 18.78 21.91 5.78
C ASN D 43 19.77 20.79 5.69
N ASP D 44 19.43 19.64 6.28
CA ASP D 44 20.20 18.44 6.00
C ASP D 44 19.97 17.99 4.54
N ARG D 45 20.72 17.01 4.02
CA ARG D 45 20.50 16.66 2.62
C ARG D 45 19.09 16.19 2.34
N LYS D 46 18.52 15.33 3.16
CA LYS D 46 17.11 14.97 2.96
C LYS D 46 16.17 16.20 2.98
N GLY D 47 16.73 17.38 3.13
CA GLY D 47 15.97 18.64 3.10
C GLY D 47 15.28 19.06 4.40
N ASN D 48 15.61 18.41 5.52
CA ASN D 48 14.97 18.75 6.79
C ASN D 48 15.40 20.11 7.32
N THR D 49 14.60 20.68 8.22
CA THR D 49 15.02 21.80 9.05
C THR D 49 15.07 21.28 10.50
N PRO D 50 15.56 22.12 11.44
CA PRO D 50 15.49 21.85 12.87
C PRO D 50 14.07 21.63 13.33
N LEU D 51 13.15 22.43 12.76
CA LEU D 51 11.72 22.34 13.07
C LEU D 51 11.24 20.99 12.70
N HIS D 52 11.27 20.67 11.41
CA HIS D 52 11.10 19.29 10.97
C HIS D 52 11.64 18.32 12.00
N LEU D 53 12.89 18.53 12.35
CA LEU D 53 13.55 17.54 13.16
C LEU D 53 12.98 17.40 14.57
N ALA D 54 12.55 18.50 15.18
CA ALA D 54 12.12 18.39 16.59
C ALA D 54 10.71 17.92 16.59
N ALA D 55 9.97 18.23 15.52
CA ALA D 55 8.66 17.62 15.28
C ALA D 55 8.86 16.10 15.18
N ASP D 56 9.75 15.67 14.29
CA ASP D 56 10.01 14.27 14.12
C ASP D 56 10.27 13.66 15.49
N TYR D 57 11.18 14.27 16.24
CA TYR D 57 11.68 13.62 17.43
C TYR D 57 10.95 14.03 18.71
N ASP D 58 9.81 14.69 18.54
CA ASP D 58 8.91 15.01 19.62
C ASP D 58 9.53 15.94 20.61
N HIS D 59 10.06 17.07 20.16
CA HIS D 59 10.76 17.95 21.07
C HIS D 59 10.06 19.30 21.17
N LEU D 60 9.06 19.30 22.05
CA LEU D 60 8.06 20.33 22.14
C LEU D 60 8.69 21.71 22.33
N GLU D 61 9.35 21.94 23.44
CA GLU D 61 9.84 23.28 23.70
C GLU D 61 10.80 23.66 22.61
N ILE D 62 11.59 22.69 22.15
CA ILE D 62 12.51 22.97 21.05
C ILE D 62 11.74 23.51 19.82
N VAL D 63 10.56 22.96 19.58
CA VAL D 63 9.75 23.46 18.52
C VAL D 63 9.43 24.87 18.87
N GLU D 64 8.91 25.07 20.07
CA GLU D 64 8.45 26.38 20.56
C GLU D 64 9.55 27.45 20.49
N VAL D 65 10.79 27.03 20.72
CA VAL D 65 11.95 27.91 20.69
C VAL D 65 12.24 28.40 19.29
N LEU D 66 12.26 27.43 18.38
CA LEU D 66 12.64 27.65 17.00
C LEU D 66 11.62 28.51 16.34
N LEU D 67 10.36 28.22 16.61
CA LEU D 67 9.29 29.01 16.09
C LEU D 67 9.50 30.44 16.51
N LYS D 68 9.73 30.65 17.82
CA LYS D 68 10.04 31.99 18.39
C LYS D 68 11.20 32.66 17.68
N HIS D 69 12.10 31.87 17.13
CA HIS D 69 13.21 32.43 16.39
C HIS D 69 12.98 32.42 14.88
N GLY D 70 11.71 32.58 14.46
CA GLY D 70 11.35 32.76 13.06
C GLY D 70 11.51 31.57 12.10
N ALA D 71 11.69 30.37 12.64
CA ALA D 71 11.71 29.16 11.83
C ALA D 71 10.41 29.05 11.02
N ASP D 72 10.53 28.59 9.77
CA ASP D 72 9.36 28.43 8.89
C ASP D 72 8.45 27.32 9.38
N VAL D 73 7.19 27.62 9.55
CA VAL D 73 6.30 26.61 10.07
C VAL D 73 5.93 25.66 8.93
N ASN D 74 6.29 26.06 7.71
CA ASN D 74 5.83 25.41 6.50
C ASN D 74 6.98 24.99 5.62
N ALA D 75 8.17 24.96 6.21
CA ALA D 75 9.32 24.41 5.53
C ALA D 75 8.99 23.00 4.97
N HIS D 76 9.51 22.65 3.80
CA HIS D 76 9.23 21.33 3.21
C HIS D 76 10.51 20.55 3.11
N ASP D 77 10.59 19.36 3.68
CA ASP D 77 11.73 18.48 3.38
C ASP D 77 11.72 18.17 1.85
N ASN D 78 12.63 17.30 1.40
CA ASN D 78 12.68 16.95 -0.03
C ASN D 78 11.44 16.31 -0.66
N ASP D 79 10.71 15.55 0.15
CA ASP D 79 9.52 14.84 -0.31
C ASP D 79 8.27 15.68 -0.14
N GLY D 80 8.44 16.90 0.40
CA GLY D 80 7.34 17.85 0.49
C GLY D 80 6.75 17.87 1.87
N SER D 81 7.16 16.91 2.69
CA SER D 81 6.60 16.78 4.06
C SER D 81 6.97 18.00 4.86
N THR D 82 6.07 18.47 5.71
CA THR D 82 6.31 19.68 6.46
C THR D 82 6.46 19.14 7.84
N PRO D 83 6.83 20.02 8.80
CA PRO D 83 6.93 19.51 10.14
C PRO D 83 5.57 19.07 10.63
N LEU D 84 4.51 19.72 10.12
CA LEU D 84 3.18 19.27 10.48
C LEU D 84 3.04 17.80 10.09
N HIS D 85 3.20 17.54 8.80
CA HIS D 85 3.23 16.17 8.36
C HIS D 85 3.95 15.19 9.29
N LEU D 86 5.18 15.52 9.67
CA LEU D 86 5.92 14.64 10.56
C LEU D 86 5.22 14.42 11.92
N ALA D 87 4.70 15.48 12.53
CA ALA D 87 4.07 15.34 13.88
C ALA D 87 2.79 14.59 13.79
N ALA D 88 2.11 14.86 12.68
CA ALA D 88 0.91 14.16 12.32
C ALA D 88 1.23 12.69 12.20
N LEU D 89 2.22 12.35 11.39
CA LEU D 89 2.49 10.97 11.12
C LEU D 89 2.78 10.25 12.40
N PHE D 90 3.51 10.95 13.27
CA PHE D 90 4.06 10.28 14.43
C PHE D 90 3.15 10.34 15.60
N GLY D 91 2.04 11.04 15.45
CA GLY D 91 1.06 11.14 16.56
C GLY D 91 1.51 12.00 17.74
N HIS D 92 2.29 13.03 17.42
CA HIS D 92 2.79 14.02 18.33
C HIS D 92 1.77 15.19 18.35
N LEU D 93 0.63 14.91 18.97
CA LEU D 93 -0.48 15.82 19.12
C LEU D 93 -0.08 17.26 19.59
N GLU D 94 0.63 17.39 20.72
CA GLU D 94 0.91 18.73 21.24
C GLU D 94 1.77 19.52 20.25
N ILE D 95 2.88 18.93 19.85
CA ILE D 95 3.63 19.53 18.78
C ILE D 95 2.74 19.91 17.57
N VAL D 96 1.78 19.07 17.21
CA VAL D 96 0.84 19.48 16.16
C VAL D 96 0.14 20.81 16.52
N GLU D 97 -0.51 20.85 17.69
CA GLU D 97 -1.24 22.04 18.10
C GLU D 97 -0.40 23.31 18.04
N VAL D 98 0.86 23.29 18.47
CA VAL D 98 1.61 24.55 18.48
C VAL D 98 1.98 24.93 17.06
N LEU D 99 2.26 23.90 16.25
CA LEU D 99 2.54 24.13 14.85
C LEU D 99 1.37 24.87 14.22
N LEU D 100 0.16 24.41 14.52
CA LEU D 100 -1.04 25.02 14.00
C LEU D 100 -1.20 26.42 14.51
N LYS D 101 -1.15 26.56 15.84
CA LYS D 101 -1.21 27.84 16.50
C LYS D 101 -0.30 28.79 15.73
N HIS D 102 0.92 28.33 15.44
CA HIS D 102 1.90 29.14 14.71
C HIS D 102 1.70 29.23 13.21
N GLY D 103 0.55 28.74 12.76
CA GLY D 103 0.07 28.93 11.40
C GLY D 103 0.59 27.90 10.41
N ALA D 104 0.68 26.63 10.80
CA ALA D 104 1.11 25.61 9.86
C ALA D 104 -0.03 25.45 8.89
N ASP D 105 0.26 25.27 7.59
CA ASP D 105 -0.84 25.02 6.63
C ASP D 105 -1.44 23.63 6.82
N VAL D 106 -2.68 23.60 7.33
CA VAL D 106 -3.36 22.32 7.56
C VAL D 106 -3.57 21.68 6.23
N ASN D 107 -3.62 22.50 5.21
CA ASN D 107 -3.96 22.02 3.90
C ASN D 107 -2.75 21.71 3.08
N ALA D 108 -1.58 21.98 3.64
CA ALA D 108 -0.32 21.76 2.91
C ALA D 108 -0.13 20.27 2.66
N GLN D 109 0.70 19.94 1.66
CA GLN D 109 0.80 18.55 1.19
C GLN D 109 2.15 18.14 0.61
N ASP D 110 2.58 16.93 0.95
CA ASP D 110 3.86 16.38 0.46
C ASP D 110 3.77 16.15 -1.05
N LYS D 111 4.62 15.30 -1.63
CA LYS D 111 4.62 15.11 -3.07
C LYS D 111 3.75 13.97 -3.46
N PHE D 112 3.25 13.22 -2.49
CA PHE D 112 2.25 12.19 -2.77
C PHE D 112 0.88 12.77 -2.72
N GLY D 113 0.76 14.01 -2.24
CA GLY D 113 -0.52 14.67 -2.19
C GLY D 113 -1.13 14.53 -0.81
N LYS D 114 -0.43 13.88 0.13
CA LYS D 114 -0.99 13.70 1.48
C LYS D 114 -0.87 14.96 2.28
N THR D 115 -2.01 15.52 2.67
CA THR D 115 -2.04 16.58 3.65
C THR D 115 -1.85 15.92 5.00
N ALA D 116 -1.98 16.69 6.09
CA ALA D 116 -1.80 16.05 7.41
C ALA D 116 -3.08 15.39 7.89
N PHE D 117 -4.21 15.78 7.30
CA PHE D 117 -5.45 15.15 7.66
C PHE D 117 -5.41 13.79 7.09
N ASP D 118 -4.80 13.67 5.92
CA ASP D 118 -4.78 12.39 5.27
C ASP D 118 -4.01 11.42 6.12
N ILE D 119 -2.87 11.89 6.63
CA ILE D 119 -2.05 11.04 7.47
C ILE D 119 -2.82 10.54 8.74
N SER D 120 -3.51 11.45 9.44
CA SER D 120 -4.33 11.04 10.57
C SER D 120 -5.28 9.91 10.17
N ILE D 121 -6.19 10.21 9.25
CA ILE D 121 -7.03 9.18 8.62
C ILE D 121 -6.29 7.83 8.32
N ASP D 122 -5.14 7.90 7.68
CA ASP D 122 -4.42 6.72 7.29
C ASP D 122 -3.79 5.97 8.46
N ASN D 123 -3.54 6.66 9.57
CA ASN D 123 -3.17 5.95 10.79
C ASN D 123 -4.42 5.70 11.58
N GLY D 124 -5.49 6.43 11.25
CA GLY D 124 -6.79 6.25 11.86
C GLY D 124 -6.69 6.76 13.26
N ASN D 125 -5.92 7.82 13.41
CA ASN D 125 -5.80 8.46 14.68
C ASN D 125 -7.01 9.34 14.87
N GLU D 126 -7.97 8.78 15.61
CA GLU D 126 -9.23 9.44 15.87
C GLU D 126 -9.05 10.86 16.42
N ASP D 127 -8.15 11.03 17.40
CA ASP D 127 -7.96 12.36 17.98
C ASP D 127 -7.27 13.36 17.05
N LEU D 128 -6.20 12.97 16.37
CA LEU D 128 -5.55 13.92 15.50
C LEU D 128 -6.54 14.45 14.49
N ALA D 129 -7.46 13.61 14.02
CA ALA D 129 -8.38 14.07 13.00
C ALA D 129 -9.24 15.19 13.54
N GLU D 130 -9.95 14.94 14.62
CA GLU D 130 -10.82 15.94 15.19
C GLU D 130 -10.12 17.24 15.43
N ILE D 131 -8.84 17.19 15.71
CA ILE D 131 -8.17 18.42 15.97
C ILE D 131 -7.86 19.10 14.65
N LEU D 132 -7.65 18.32 13.61
CA LEU D 132 -7.45 18.88 12.27
C LEU D 132 -8.72 19.41 11.56
N GLN D 133 -9.87 18.84 11.92
CA GLN D 133 -11.15 19.32 11.43
C GLN D 133 -11.44 20.68 12.01
N LYS D 134 -11.05 20.86 13.27
CA LYS D 134 -11.47 22.02 14.05
C LYS D 134 -11.07 23.42 13.52
N LEU D 135 -10.39 23.50 12.38
CA LEU D 135 -9.93 24.81 11.89
C LEU D 135 -10.50 25.14 10.54
N ASN D 136 -10.39 26.41 10.11
CA ASN D 136 -10.74 26.84 8.74
C ASN D 136 -9.87 26.15 7.66
#